data_6ZZM
#
_entry.id   6ZZM
#
_cell.length_a   100.619
_cell.length_b   100.619
_cell.length_c   281.568
_cell.angle_alpha   90
_cell.angle_beta   90
_cell.angle_gamma   120
#
_symmetry.space_group_name_H-M   'P 63 2 2'
#
loop_
_entity.id
_entity.type
_entity.pdbx_description
1 polymer 'Dihydrolipoamide acetyltransferase component of pyruvate dehydrogenase complex'
2 non-polymer 'COENZYME A'
3 water water
#
_entity_poly.entity_id   1
_entity_poly.type   'polypeptide(L)'
_entity_poly.pdbx_seq_one_letter_code
;GSLIGTTAKVNRIREITAAKMVEALQISAQLTHLQEVDMTKIAELRKESKPAFQQKYGVNLTYLPFFVKAAVEALVSHPN
VNASYNAETKEMTYHADVNVAIAVDTPRGLLTPVIHKAQELTFPEIAQAIVDLADRARNNKLKPQDLMGATFTITNIGSE
GALSDTPILVPPQAGILGTAAIQKRAVVVTEDGVDAIAIRQMCYMPFTYDHQVVDGADAGRFTTTIKDRLETANFADDLA
L
;
_entity_poly.pdbx_strand_id   A,B
#
# COMPACT_ATOMS: atom_id res chain seq x y z
N GLY A 5 36.27 -35.38 25.02
CA GLY A 5 35.47 -34.35 24.34
C GLY A 5 34.61 -33.58 25.31
N THR A 6 34.23 -32.33 24.97
CA THR A 6 33.41 -31.52 25.87
C THR A 6 32.03 -31.22 25.29
N THR A 7 31.05 -31.11 26.17
CA THR A 7 29.67 -30.89 25.77
C THR A 7 29.11 -29.67 26.46
N ALA A 8 28.32 -28.87 25.72
CA ALA A 8 27.61 -27.71 26.25
C ALA A 8 26.28 -27.57 25.53
N LYS A 9 25.24 -27.12 26.23
CA LYS A 9 23.92 -26.95 25.62
C LYS A 9 23.92 -25.68 24.75
N VAL A 10 23.36 -25.75 23.53
CA VAL A 10 23.27 -24.60 22.65
C VAL A 10 22.24 -23.60 23.18
N ASN A 11 22.43 -22.32 22.83
CA ASN A 11 21.47 -21.28 23.22
C ASN A 11 20.13 -21.49 22.46
N ARG A 12 19.08 -20.72 22.80
CA ARG A 12 17.79 -20.89 22.16
C ARG A 12 17.79 -20.44 20.68
N ILE A 13 18.64 -19.48 20.30
CA ILE A 13 18.71 -19.03 18.91
C ILE A 13 19.18 -20.19 18.01
N ARG A 14 20.26 -20.86 18.39
CA ARG A 14 20.82 -21.95 17.61
C ARG A 14 19.90 -23.19 17.67
N GLU A 15 19.30 -23.46 18.83
CA GLU A 15 18.37 -24.58 18.98
C GLU A 15 17.13 -24.41 18.06
N ILE A 16 16.54 -23.22 18.02
CA ILE A 16 15.34 -22.97 17.24
C ILE A 16 15.69 -22.86 15.76
N THR A 17 16.82 -22.23 15.41
CA THR A 17 17.23 -22.12 14.01
C THR A 17 17.44 -23.51 13.40
N ALA A 18 18.20 -24.37 14.08
CA ALA A 18 18.46 -25.73 13.66
C ALA A 18 17.14 -26.52 13.45
N ALA A 19 16.22 -26.48 14.44
CA ALA A 19 14.95 -27.21 14.35
C ALA A 19 14.09 -26.68 13.20
N LYS A 20 14.02 -25.36 13.03
CA LYS A 20 13.22 -24.77 11.96
C LYS A 20 13.76 -25.16 10.59
N MET A 21 15.08 -25.32 10.45
CA MET A 21 15.68 -25.67 9.17
C MET A 21 15.56 -27.14 8.86
N VAL A 22 15.66 -28.03 9.86
CA VAL A 22 15.46 -29.46 9.65
C VAL A 22 14.01 -29.70 9.14
N GLU A 23 13.06 -29.04 9.78
CA GLU A 23 11.64 -29.14 9.44
C GLU A 23 11.34 -28.50 8.08
N ALA A 24 11.97 -27.35 7.77
CA ALA A 24 11.76 -26.63 6.53
C ALA A 24 12.01 -27.49 5.30
N LEU A 25 13.08 -28.28 5.33
CA LEU A 25 13.45 -29.14 4.22
C LEU A 25 12.46 -30.31 4.03
N GLN A 26 11.84 -30.78 5.12
CA GLN A 26 10.91 -31.87 5.03
C GLN A 26 9.52 -31.47 4.54
N ILE A 27 9.16 -30.17 4.61
CA ILE A 27 7.82 -29.74 4.18
C ILE A 27 7.83 -28.85 2.94
N SER A 28 8.95 -28.79 2.22
CA SER A 28 9.06 -28.00 1.02
C SER A 28 9.85 -28.77 -0.05
N ALA A 29 9.84 -28.28 -1.30
CA ALA A 29 10.56 -28.87 -2.41
C ALA A 29 11.62 -27.87 -2.87
N GLN A 30 12.72 -27.74 -2.12
CA GLN A 30 13.75 -26.75 -2.40
C GLN A 30 14.74 -27.17 -3.48
N LEU A 31 15.08 -26.22 -4.33
CA LEU A 31 16.09 -26.25 -5.39
C LEU A 31 16.92 -25.00 -5.29
N THR A 32 18.18 -25.04 -5.73
CA THR A 32 18.98 -23.82 -5.76
C THR A 32 19.38 -23.47 -7.18
N HIS A 33 18.68 -22.50 -7.73
CA HIS A 33 18.97 -21.95 -9.04
C HIS A 33 20.28 -21.16 -8.92
N LEU A 34 21.19 -21.30 -9.88
CA LEU A 34 22.44 -20.56 -9.87
C LEU A 34 22.48 -19.51 -10.97
N GLN A 35 22.70 -18.27 -10.59
CA GLN A 35 22.86 -17.17 -11.51
C GLN A 35 24.15 -16.40 -11.15
N GLU A 36 24.67 -15.53 -12.05
CA GLU A 36 25.84 -14.70 -11.74
C GLU A 36 25.52 -13.25 -12.12
N VAL A 37 26.16 -12.31 -11.43
CA VAL A 37 25.95 -10.89 -11.69
C VAL A 37 27.29 -10.16 -11.83
N ASP A 38 27.39 -9.29 -12.83
CA ASP A 38 28.56 -8.46 -13.04
C ASP A 38 28.36 -7.22 -12.18
N MET A 39 29.03 -7.20 -11.03
CA MET A 39 28.90 -6.13 -10.08
C MET A 39 29.92 -5.01 -10.29
N THR A 40 30.71 -5.04 -11.38
CA THR A 40 31.73 -4.03 -11.63
C THR A 40 31.16 -2.62 -11.67
N LYS A 41 30.05 -2.36 -12.41
CA LYS A 41 29.51 -1.00 -12.47
C LYS A 41 29.06 -0.53 -11.06
N ILE A 42 28.41 -1.42 -10.27
CA ILE A 42 27.99 -1.07 -8.91
C ILE A 42 29.24 -0.82 -8.04
N ALA A 43 30.31 -1.62 -8.20
CA ALA A 43 31.54 -1.45 -7.44
C ALA A 43 32.16 -0.07 -7.69
N GLU A 44 32.10 0.42 -8.95
CA GLU A 44 32.65 1.73 -9.30
C GLU A 44 31.78 2.86 -8.73
N LEU A 45 30.45 2.69 -8.80
CA LEU A 45 29.50 3.65 -8.26
C LEU A 45 29.65 3.75 -6.73
N ARG A 46 29.81 2.61 -6.06
CA ARG A 46 29.98 2.50 -4.64
C ARG A 46 31.25 3.17 -4.17
N LYS A 47 32.37 2.94 -4.89
CA LYS A 47 33.64 3.54 -4.51
C LYS A 47 33.56 5.06 -4.52
N GLU A 48 33.01 5.65 -5.59
CA GLU A 48 32.92 7.10 -5.68
C GLU A 48 31.82 7.69 -4.78
N SER A 49 30.79 6.91 -4.43
CA SER A 49 29.68 7.42 -3.63
C SER A 49 29.83 7.23 -2.12
N LYS A 50 30.74 6.35 -1.66
CA LYS A 50 30.89 6.07 -0.23
C LYS A 50 31.08 7.32 0.65
N PRO A 51 32.01 8.26 0.36
CA PRO A 51 32.16 9.43 1.24
C PRO A 51 30.88 10.29 1.35
N ALA A 52 30.18 10.52 0.22
CA ALA A 52 28.96 11.34 0.20
C ALA A 52 27.78 10.62 0.87
N PHE A 53 27.73 9.29 0.74
CA PHE A 53 26.65 8.50 1.33
C PHE A 53 26.83 8.43 2.86
N GLN A 54 28.09 8.34 3.33
CA GLN A 54 28.38 8.31 4.76
C GLN A 54 28.03 9.66 5.40
N GLN A 55 28.31 10.77 4.70
CA GLN A 55 28.03 12.09 5.23
C GLN A 55 26.52 12.39 5.26
N LYS A 56 25.78 12.03 4.20
CA LYS A 56 24.34 12.32 4.14
C LYS A 56 23.48 11.32 4.90
N TYR A 57 23.77 10.01 4.83
CA TYR A 57 22.90 9.01 5.46
C TYR A 57 23.46 8.37 6.73
N GLY A 58 24.73 8.61 7.05
CA GLY A 58 25.32 8.11 8.27
C GLY A 58 25.67 6.63 8.30
N VAL A 59 25.65 5.96 7.13
CA VAL A 59 25.99 4.53 7.09
C VAL A 59 27.05 4.26 5.99
N ASN A 60 27.77 3.14 6.11
CA ASN A 60 28.75 2.75 5.11
C ASN A 60 28.01 2.10 3.97
N LEU A 61 28.21 2.57 2.72
CA LEU A 61 27.49 2.04 1.57
C LEU A 61 28.12 0.72 1.09
N THR A 62 27.39 -0.40 1.25
CA THR A 62 27.88 -1.72 0.83
C THR A 62 27.06 -2.23 -0.41
N TYR A 63 27.35 -3.46 -0.91
CA TYR A 63 26.63 -4.00 -2.06
C TYR A 63 25.23 -4.45 -1.66
N LEU A 64 25.06 -4.97 -0.43
CA LEU A 64 23.80 -5.52 0.05
C LEU A 64 22.56 -4.63 -0.25
N PRO A 65 22.50 -3.32 0.04
CA PRO A 65 21.28 -2.55 -0.27
C PRO A 65 20.97 -2.54 -1.77
N PHE A 66 21.98 -2.67 -2.67
CA PHE A 66 21.73 -2.71 -4.11
C PHE A 66 20.93 -3.98 -4.43
N PHE A 67 21.33 -5.11 -3.83
CA PHE A 67 20.68 -6.39 -4.01
C PHE A 67 19.30 -6.35 -3.41
N VAL A 68 19.15 -5.78 -2.20
CA VAL A 68 17.85 -5.71 -1.53
C VAL A 68 16.88 -4.86 -2.35
N LYS A 69 17.32 -3.69 -2.85
CA LYS A 69 16.43 -2.82 -3.63
C LYS A 69 16.00 -3.52 -4.92
N ALA A 70 16.95 -4.18 -5.62
CA ALA A 70 16.63 -4.89 -6.84
C ALA A 70 15.69 -6.07 -6.56
N ALA A 71 15.88 -6.75 -5.42
CA ALA A 71 15.01 -7.86 -5.05
C ALA A 71 13.60 -7.39 -4.72
N VAL A 72 13.47 -6.25 -4.04
CA VAL A 72 12.19 -5.70 -3.66
C VAL A 72 11.40 -5.29 -4.89
N GLU A 73 12.05 -4.66 -5.88
CA GLU A 73 11.41 -4.29 -7.12
C GLU A 73 10.94 -5.53 -7.89
N ALA A 74 11.81 -6.57 -7.93
CA ALA A 74 11.50 -7.83 -8.58
C ALA A 74 10.42 -8.61 -7.84
N LEU A 75 10.27 -8.44 -6.52
CA LEU A 75 9.19 -9.12 -5.80
C LEU A 75 7.82 -8.44 -6.08
N VAL A 76 7.84 -7.16 -6.50
CA VAL A 76 6.69 -6.39 -6.87
C VAL A 76 6.33 -6.69 -8.35
N SER A 77 7.33 -6.86 -9.23
CA SER A 77 7.03 -7.20 -10.63
C SER A 77 6.83 -8.72 -10.83
N HIS A 78 7.34 -9.55 -9.92
CA HIS A 78 7.11 -11.00 -9.92
C HIS A 78 6.34 -11.32 -8.64
N PRO A 79 5.06 -10.90 -8.50
CA PRO A 79 4.33 -11.17 -7.25
C PRO A 79 4.13 -12.67 -6.95
N ASN A 80 4.33 -13.54 -7.94
CA ASN A 80 4.27 -15.00 -7.78
C ASN A 80 5.40 -15.52 -6.89
N VAL A 81 6.49 -14.75 -6.71
CA VAL A 81 7.62 -15.12 -5.85
C VAL A 81 7.35 -14.64 -4.41
N ASN A 82 6.66 -13.48 -4.25
CA ASN A 82 6.28 -12.94 -2.95
C ASN A 82 4.97 -13.61 -2.56
N ALA A 83 5.01 -14.93 -2.42
CA ALA A 83 3.83 -15.73 -2.21
C ALA A 83 4.10 -16.93 -1.29
N SER A 84 3.03 -17.58 -0.79
CA SER A 84 3.10 -18.75 0.09
C SER A 84 2.12 -19.81 -0.35
N TYR A 85 2.47 -21.08 -0.17
CA TYR A 85 1.58 -22.18 -0.51
C TYR A 85 1.06 -22.89 0.73
N ASN A 86 -0.22 -23.22 0.72
CA ASN A 86 -0.88 -23.97 1.77
C ASN A 86 -1.14 -25.35 1.23
N ALA A 87 -0.40 -26.36 1.67
CA ALA A 87 -0.56 -27.72 1.15
C ALA A 87 -1.85 -28.40 1.58
N GLU A 88 -2.51 -27.90 2.65
CA GLU A 88 -3.76 -28.48 3.09
C GLU A 88 -4.90 -28.01 2.22
N THR A 89 -5.02 -26.68 2.01
CA THR A 89 -6.12 -26.14 1.19
C THR A 89 -5.76 -26.05 -0.30
N LYS A 90 -4.50 -26.34 -0.67
CA LYS A 90 -3.99 -26.29 -2.04
C LYS A 90 -4.18 -24.86 -2.62
N GLU A 91 -3.87 -23.84 -1.81
CA GLU A 91 -4.04 -22.44 -2.17
C GLU A 91 -2.76 -21.66 -2.14
N MET A 92 -2.65 -20.69 -3.04
CA MET A 92 -1.51 -19.80 -3.11
C MET A 92 -1.90 -18.43 -2.59
N THR A 93 -1.08 -17.81 -1.75
CA THR A 93 -1.36 -16.47 -1.27
C THR A 93 -0.29 -15.54 -1.74
N TYR A 94 -0.64 -14.58 -2.60
CA TYR A 94 0.33 -13.61 -3.10
C TYR A 94 0.29 -12.43 -2.14
N HIS A 95 1.37 -12.19 -1.38
CA HIS A 95 1.42 -11.15 -0.36
C HIS A 95 1.55 -9.72 -0.90
N ALA A 96 0.74 -8.81 -0.34
CA ALA A 96 0.72 -7.41 -0.73
C ALA A 96 2.03 -6.70 -0.32
N ASP A 97 2.51 -6.97 0.90
CA ASP A 97 3.73 -6.36 1.38
C ASP A 97 4.95 -7.19 1.05
N VAL A 98 6.09 -6.51 0.87
CA VAL A 98 7.36 -7.16 0.67
C VAL A 98 8.14 -7.01 1.99
N ASN A 99 8.11 -8.05 2.85
CA ASN A 99 8.82 -8.05 4.14
C ASN A 99 10.10 -8.86 4.02
N VAL A 100 11.18 -8.17 3.70
CA VAL A 100 12.45 -8.81 3.43
C VAL A 100 13.27 -9.06 4.69
N ALA A 101 13.54 -10.32 4.97
CA ALA A 101 14.40 -10.69 6.09
C ALA A 101 15.86 -10.60 5.63
N ILE A 102 16.72 -10.10 6.51
CA ILE A 102 18.14 -9.97 6.20
C ILE A 102 18.90 -10.92 7.12
N ALA A 103 19.60 -11.91 6.57
CA ALA A 103 20.39 -12.81 7.39
C ALA A 103 21.56 -12.04 7.99
N VAL A 104 21.66 -12.07 9.35
CA VAL A 104 22.72 -11.38 10.06
C VAL A 104 23.52 -12.39 10.85
N ASP A 105 24.84 -12.41 10.64
CA ASP A 105 25.70 -13.30 11.41
C ASP A 105 26.00 -12.64 12.76
N THR A 106 25.48 -13.24 13.86
CA THR A 106 25.68 -12.65 15.18
C THR A 106 26.56 -13.60 16.05
N PRO A 107 27.12 -13.10 17.17
CA PRO A 107 27.92 -13.97 18.05
C PRO A 107 27.10 -15.12 18.66
N ARG A 108 25.75 -14.95 18.72
CA ARG A 108 24.86 -15.96 19.30
C ARG A 108 24.21 -16.88 18.25
N GLY A 109 24.56 -16.70 16.99
CA GLY A 109 24.00 -17.47 15.89
C GLY A 109 23.33 -16.59 14.86
N LEU A 110 22.75 -17.22 13.84
CA LEU A 110 22.06 -16.53 12.77
C LEU A 110 20.72 -15.94 13.22
N LEU A 111 20.49 -14.68 12.89
CA LEU A 111 19.21 -14.03 13.12
C LEU A 111 18.74 -13.43 11.79
N THR A 112 17.43 -13.44 11.50
CA THR A 112 16.97 -12.86 10.23
C THR A 112 15.92 -11.76 10.48
N PRO A 113 16.38 -10.56 10.90
CA PRO A 113 15.42 -9.48 11.16
C PRO A 113 14.74 -8.99 9.86
N VAL A 114 13.47 -8.62 9.96
CA VAL A 114 12.66 -8.30 8.81
C VAL A 114 12.48 -6.79 8.56
N ILE A 115 12.69 -6.36 7.30
CA ILE A 115 12.39 -5.02 6.85
C ILE A 115 10.94 -5.05 6.35
N HIS A 116 9.99 -4.67 7.20
CA HIS A 116 8.58 -4.71 6.83
C HIS A 116 8.25 -3.61 5.85
N LYS A 117 7.37 -3.90 4.89
CA LYS A 117 6.91 -2.97 3.86
C LYS A 117 8.09 -2.29 3.16
N ALA A 118 9.07 -3.10 2.73
CA ALA A 118 10.27 -2.65 2.04
C ALA A 118 9.94 -2.02 0.70
N GLN A 119 8.78 -2.35 0.09
CA GLN A 119 8.36 -1.76 -1.18
C GLN A 119 8.02 -0.26 -1.00
N GLU A 120 7.79 0.21 0.24
CA GLU A 120 7.50 1.62 0.50
C GLU A 120 8.78 2.42 0.86
N LEU A 121 9.98 1.78 0.89
CA LEU A 121 11.20 2.48 1.29
C LEU A 121 12.11 2.94 0.16
N THR A 122 12.79 4.05 0.37
CA THR A 122 13.80 4.52 -0.59
C THR A 122 15.06 3.68 -0.43
N PHE A 123 15.98 3.72 -1.40
CA PHE A 123 17.27 3.01 -1.34
C PHE A 123 18.03 3.40 -0.04
N PRO A 124 18.20 4.71 0.30
CA PRO A 124 18.89 5.06 1.56
C PRO A 124 18.17 4.51 2.80
N GLU A 125 16.82 4.53 2.83
CA GLU A 125 16.06 3.97 3.95
C GLU A 125 16.32 2.47 4.08
N ILE A 126 16.54 1.74 2.97
CA ILE A 126 16.85 0.31 3.02
C ILE A 126 18.27 0.12 3.62
N ALA A 127 19.25 0.89 3.15
CA ALA A 127 20.62 0.81 3.64
C ALA A 127 20.67 1.09 5.16
N GLN A 128 19.93 2.12 5.61
CA GLN A 128 19.84 2.47 7.03
C GLN A 128 19.12 1.36 7.83
N ALA A 129 18.09 0.74 7.25
CA ALA A 129 17.35 -0.33 7.93
C ALA A 129 18.21 -1.56 8.11
N ILE A 130 19.08 -1.88 7.14
CA ILE A 130 19.95 -3.04 7.25
C ILE A 130 20.93 -2.84 8.42
N VAL A 131 21.54 -1.66 8.49
CA VAL A 131 22.51 -1.30 9.53
C VAL A 131 21.84 -1.32 10.92
N ASP A 132 20.64 -0.79 10.99
CA ASP A 132 19.88 -0.72 12.23
C ASP A 132 19.45 -2.12 12.69
N LEU A 133 18.88 -2.94 11.80
CA LEU A 133 18.44 -4.27 12.16
C LEU A 133 19.60 -5.19 12.51
N ALA A 134 20.76 -5.00 11.85
CA ALA A 134 21.95 -5.81 12.10
C ALA A 134 22.56 -5.44 13.44
N ASP A 135 22.68 -4.15 13.75
CA ASP A 135 23.26 -3.70 15.01
C ASP A 135 22.43 -4.21 16.18
N ARG A 136 21.11 -4.10 16.07
CA ARG A 136 20.21 -4.58 17.12
C ARG A 136 20.23 -6.10 17.23
N ALA A 137 20.37 -6.83 16.11
CA ALA A 137 20.42 -8.30 16.16
C ALA A 137 21.73 -8.79 16.82
N ARG A 138 22.83 -8.09 16.56
CA ARG A 138 24.13 -8.45 17.13
C ARG A 138 24.15 -8.12 18.62
N ASN A 139 23.47 -7.05 19.05
CA ASN A 139 23.33 -6.67 20.47
C ASN A 139 22.15 -7.40 21.17
N ASN A 140 21.42 -8.27 20.43
CA ASN A 140 20.23 -9.03 20.86
C ASN A 140 19.22 -8.09 21.53
N LYS A 141 18.92 -6.96 20.84
CA LYS A 141 17.99 -5.87 21.16
C LYS A 141 16.79 -5.83 20.19
N LEU A 142 16.44 -6.97 19.59
CA LEU A 142 15.33 -7.02 18.66
C LEU A 142 14.02 -7.20 19.39
N LYS A 143 12.97 -6.55 18.89
CA LYS A 143 11.61 -6.76 19.38
C LYS A 143 11.06 -8.06 18.70
N PRO A 144 10.01 -8.73 19.23
CA PRO A 144 9.52 -9.98 18.60
C PRO A 144 8.96 -9.73 17.20
N GLN A 145 8.32 -8.57 17.00
CA GLN A 145 7.78 -8.15 15.71
C GLN A 145 8.87 -8.06 14.64
N ASP A 146 10.13 -7.80 15.03
CA ASP A 146 11.23 -7.68 14.09
C ASP A 146 11.59 -9.00 13.43
N LEU A 147 11.15 -10.14 13.97
CA LEU A 147 11.49 -11.43 13.38
C LEU A 147 10.27 -12.15 12.78
N MET A 148 9.11 -11.48 12.69
CA MET A 148 7.89 -12.08 12.16
C MET A 148 7.49 -11.51 10.83
N GLY A 149 6.74 -12.29 10.08
CA GLY A 149 6.12 -11.82 8.85
C GLY A 149 6.95 -11.73 7.59
N ALA A 150 8.15 -12.32 7.57
CA ALA A 150 8.98 -12.29 6.36
C ALA A 150 8.29 -13.00 5.19
N THR A 151 8.36 -12.37 4.02
CA THR A 151 7.83 -12.94 2.79
C THR A 151 8.96 -13.42 1.85
N PHE A 152 10.22 -13.00 2.12
CA PHE A 152 11.43 -13.30 1.35
C PHE A 152 12.68 -13.05 2.23
N THR A 153 13.81 -13.71 1.94
CA THR A 153 15.04 -13.50 2.69
C THR A 153 16.21 -13.26 1.73
N ILE A 154 17.12 -12.36 2.11
CA ILE A 154 18.35 -12.10 1.37
C ILE A 154 19.49 -12.42 2.33
N THR A 155 20.39 -13.33 1.91
CA THR A 155 21.48 -13.75 2.75
C THR A 155 22.84 -13.43 2.11
N ASN A 156 23.68 -12.71 2.86
CA ASN A 156 25.00 -12.35 2.41
C ASN A 156 25.95 -13.50 2.66
N ILE A 157 25.94 -14.49 1.75
CA ILE A 157 26.81 -15.66 1.87
C ILE A 157 28.28 -15.31 1.59
N GLY A 158 28.53 -14.20 0.91
CA GLY A 158 29.89 -13.81 0.56
C GLY A 158 30.67 -13.18 1.69
N SER A 159 30.04 -12.91 2.84
CA SER A 159 30.73 -12.28 3.96
C SER A 159 31.97 -13.07 4.40
N GLU A 160 31.90 -14.41 4.37
CA GLU A 160 33.07 -15.21 4.76
C GLU A 160 33.76 -15.86 3.56
N GLY A 161 33.63 -15.26 2.37
CA GLY A 161 34.28 -15.65 1.13
C GLY A 161 33.70 -16.78 0.30
N ALA A 162 32.50 -17.28 0.63
CA ALA A 162 31.90 -18.36 -0.15
C ALA A 162 31.65 -17.93 -1.61
N LEU A 163 32.08 -18.78 -2.56
CA LEU A 163 31.80 -18.61 -3.97
C LEU A 163 30.30 -18.71 -4.21
N SER A 164 29.67 -19.66 -3.52
CA SER A 164 28.24 -19.89 -3.57
C SER A 164 27.86 -20.79 -2.39
N ASP A 165 26.57 -21.09 -2.27
CA ASP A 165 26.01 -21.94 -1.22
C ASP A 165 24.58 -22.31 -1.65
N THR A 166 23.90 -23.17 -0.88
CA THR A 166 22.53 -23.58 -1.20
C THR A 166 21.70 -23.20 0.00
N PRO A 167 21.32 -21.90 0.12
CA PRO A 167 20.64 -21.46 1.35
C PRO A 167 19.33 -22.18 1.58
N ILE A 168 18.98 -22.39 2.85
CA ILE A 168 17.73 -23.08 3.19
C ILE A 168 16.61 -22.09 3.38
N LEU A 169 15.52 -22.20 2.56
CA LEU A 169 14.38 -21.33 2.78
C LEU A 169 13.50 -21.96 3.84
N VAL A 170 12.77 -21.12 4.55
CA VAL A 170 11.91 -21.57 5.61
C VAL A 170 10.47 -21.21 5.27
N PRO A 171 9.63 -22.21 4.92
CA PRO A 171 8.20 -21.93 4.71
C PRO A 171 7.58 -21.19 5.90
N PRO A 172 6.62 -20.25 5.68
CA PRO A 172 5.88 -20.01 4.44
C PRO A 172 6.60 -19.23 3.36
N GLN A 173 7.88 -18.87 3.56
CA GLN A 173 8.61 -18.15 2.50
C GLN A 173 8.85 -19.09 1.30
N ALA A 174 8.93 -18.51 0.10
CA ALA A 174 9.06 -19.30 -1.12
C ALA A 174 10.44 -19.14 -1.82
N GLY A 175 11.24 -18.19 -1.37
CA GLY A 175 12.55 -17.96 -1.93
C GLY A 175 13.51 -17.30 -0.96
N ILE A 176 14.81 -17.59 -1.15
CA ILE A 176 15.89 -16.98 -0.39
C ILE A 176 17.01 -16.72 -1.41
N LEU A 177 17.44 -15.47 -1.48
CA LEU A 177 18.46 -15.05 -2.44
C LEU A 177 19.78 -14.83 -1.75
N GLY A 178 20.84 -15.45 -2.29
CA GLY A 178 22.17 -15.31 -1.74
C GLY A 178 23.03 -14.34 -2.51
N THR A 179 23.80 -13.49 -1.81
CA THR A 179 24.71 -12.51 -2.43
C THR A 179 26.12 -13.01 -2.10
N ALA A 180 26.63 -13.89 -2.96
CA ALA A 180 27.92 -14.55 -2.71
C ALA A 180 29.13 -13.58 -2.91
N ALA A 181 30.37 -14.02 -2.60
CA ALA A 181 31.55 -13.17 -2.64
C ALA A 181 31.83 -12.65 -4.01
N ILE A 182 31.98 -11.33 -4.10
CA ILE A 182 32.28 -10.65 -5.34
C ILE A 182 33.77 -10.84 -5.59
N GLN A 183 34.09 -11.51 -6.67
CA GLN A 183 35.46 -11.84 -6.99
C GLN A 183 35.78 -11.40 -8.43
N LYS A 184 37.04 -11.03 -8.71
CA LYS A 184 37.46 -10.70 -10.07
C LYS A 184 37.58 -11.98 -10.90
N ARG A 185 36.90 -12.03 -12.05
CA ARG A 185 36.89 -13.20 -12.93
C ARG A 185 37.17 -12.83 -14.39
N ALA A 186 37.67 -13.78 -15.18
CA ALA A 186 37.88 -13.62 -16.60
C ALA A 186 36.55 -13.96 -17.28
N VAL A 187 35.85 -12.94 -17.82
CA VAL A 187 34.52 -13.18 -18.40
C VAL A 187 34.45 -12.61 -19.81
N VAL A 188 33.55 -13.17 -20.63
CA VAL A 188 33.39 -12.70 -22.00
C VAL A 188 32.42 -11.53 -22.09
N VAL A 189 32.82 -10.47 -22.77
CA VAL A 189 31.95 -9.33 -23.04
C VAL A 189 31.76 -9.26 -24.57
N THR A 190 30.64 -8.70 -25.03
CA THR A 190 30.40 -8.57 -26.46
C THR A 190 29.92 -7.15 -26.79
N GLU A 191 30.51 -6.55 -27.82
CA GLU A 191 30.18 -5.20 -28.28
CA GLU A 191 30.20 -5.20 -28.28
C GLU A 191 30.25 -5.13 -29.80
N ASP A 192 29.09 -5.07 -30.46
CA ASP A 192 28.98 -5.02 -31.92
C ASP A 192 29.51 -6.34 -32.53
N GLY A 193 29.19 -7.45 -31.88
CA GLY A 193 29.62 -8.77 -32.35
C GLY A 193 31.07 -9.10 -32.06
N VAL A 194 31.73 -8.32 -31.19
CA VAL A 194 33.12 -8.59 -30.87
C VAL A 194 33.21 -9.22 -29.52
N ASP A 195 33.46 -10.52 -29.46
CA ASP A 195 33.63 -11.21 -28.19
C ASP A 195 35.07 -10.97 -27.69
N ALA A 196 35.20 -10.60 -26.44
CA ALA A 196 36.51 -10.33 -25.85
C ALA A 196 36.51 -10.71 -24.36
N ILE A 197 37.69 -10.90 -23.78
CA ILE A 197 37.80 -11.34 -22.38
C ILE A 197 38.17 -10.18 -21.48
N ALA A 198 37.31 -9.88 -20.52
CA ALA A 198 37.54 -8.79 -19.60
C ALA A 198 37.68 -9.29 -18.15
N ILE A 199 38.30 -8.46 -17.27
CA ILE A 199 38.39 -8.77 -15.85
C ILE A 199 37.23 -8.05 -15.21
N ARG A 200 36.24 -8.79 -14.72
CA ARG A 200 35.05 -8.17 -14.13
C ARG A 200 34.84 -8.63 -12.71
N GLN A 201 34.26 -7.76 -11.88
CA GLN A 201 33.94 -8.10 -10.50
C GLN A 201 32.61 -8.84 -10.51
N MET A 202 32.67 -10.18 -10.48
CA MET A 202 31.48 -11.00 -10.56
C MET A 202 31.09 -11.61 -9.22
N CYS A 203 29.84 -12.04 -9.09
CA CYS A 203 29.42 -12.84 -7.94
C CYS A 203 28.35 -13.84 -8.37
N TYR A 204 28.35 -15.02 -7.74
CA TYR A 204 27.26 -15.94 -7.96
C TYR A 204 26.10 -15.44 -7.09
N MET A 205 24.90 -15.64 -7.57
CA MET A 205 23.70 -15.22 -6.87
C MET A 205 22.78 -16.42 -6.78
N PRO A 206 23.09 -17.38 -5.90
CA PRO A 206 22.21 -18.55 -5.78
C PRO A 206 20.84 -18.15 -5.28
N PHE A 207 19.80 -18.78 -5.81
CA PHE A 207 18.46 -18.50 -5.39
C PHE A 207 17.76 -19.80 -5.07
N THR A 208 17.52 -20.07 -3.79
CA THR A 208 16.80 -21.27 -3.40
C THR A 208 15.31 -20.98 -3.40
N TYR A 209 14.58 -21.82 -4.12
CA TYR A 209 13.13 -21.62 -4.25
C TYR A 209 12.38 -22.90 -3.98
N ASP A 210 11.11 -22.77 -3.55
CA ASP A 210 10.26 -23.90 -3.25
C ASP A 210 9.43 -24.20 -4.48
N HIS A 211 9.58 -25.40 -5.07
CA HIS A 211 8.79 -25.75 -6.25
C HIS A 211 7.28 -25.79 -5.96
N GLN A 212 6.88 -25.77 -4.68
CA GLN A 212 5.47 -25.68 -4.34
C GLN A 212 4.90 -24.31 -4.74
N VAL A 213 5.72 -23.28 -4.85
CA VAL A 213 5.27 -21.91 -5.12
C VAL A 213 5.81 -21.39 -6.46
N VAL A 214 7.10 -21.61 -6.71
CA VAL A 214 7.85 -21.12 -7.87
C VAL A 214 8.44 -22.28 -8.69
N ASP A 215 8.14 -22.37 -10.01
CA ASP A 215 8.77 -23.41 -10.84
C ASP A 215 10.16 -22.88 -11.32
N GLY A 216 10.96 -23.74 -11.95
CA GLY A 216 12.29 -23.36 -12.43
C GLY A 216 12.33 -22.20 -13.41
N ALA A 217 11.40 -22.16 -14.36
CA ALA A 217 11.32 -21.07 -15.32
C ALA A 217 10.95 -19.74 -14.61
N ASP A 218 10.09 -19.79 -13.60
CA ASP A 218 9.76 -18.61 -12.80
C ASP A 218 10.99 -18.11 -12.03
N ALA A 219 11.79 -19.04 -11.46
CA ALA A 219 13.01 -18.69 -10.74
C ALA A 219 13.98 -17.98 -11.69
N GLY A 220 14.11 -18.49 -12.91
CA GLY A 220 14.96 -17.91 -13.95
C GLY A 220 14.53 -16.51 -14.34
N ARG A 221 13.22 -16.30 -14.52
CA ARG A 221 12.72 -14.96 -14.88
C ARG A 221 12.95 -13.99 -13.74
N PHE A 222 12.77 -14.45 -12.50
CA PHE A 222 12.93 -13.65 -11.32
C PHE A 222 14.37 -13.17 -11.19
N THR A 223 15.36 -14.07 -11.31
CA THR A 223 16.78 -13.67 -11.16
C THR A 223 17.27 -12.88 -12.38
N THR A 224 16.64 -13.03 -13.54
CA THR A 224 17.02 -12.27 -14.74
C THR A 224 16.65 -10.81 -14.55
N THR A 225 15.48 -10.52 -13.92
CA THR A 225 15.09 -9.15 -13.62
C THR A 225 16.11 -8.48 -12.68
N ILE A 226 16.54 -9.22 -11.62
CA ILE A 226 17.50 -8.70 -10.65
C ILE A 226 18.89 -8.51 -11.29
N LYS A 227 19.31 -9.50 -12.10
CA LYS A 227 20.61 -9.49 -12.76
C LYS A 227 20.71 -8.29 -13.67
N ASP A 228 19.68 -8.03 -14.49
CA ASP A 228 19.64 -6.90 -15.42
C ASP A 228 19.62 -5.59 -14.67
N ARG A 229 18.80 -5.50 -13.61
CA ARG A 229 18.74 -4.31 -12.78
C ARG A 229 20.16 -3.90 -12.25
N LEU A 230 20.89 -4.85 -11.59
CA LEU A 230 22.21 -4.61 -11.03
C LEU A 230 23.29 -4.34 -12.10
N GLU A 231 23.24 -5.07 -13.22
CA GLU A 231 24.24 -4.90 -14.28
C GLU A 231 24.08 -3.58 -15.00
N THR A 232 22.83 -3.08 -15.14
CA THR A 232 22.59 -1.75 -15.75
C THR A 232 23.16 -0.66 -14.83
N ALA A 233 23.03 -0.87 -13.50
CA ALA A 233 23.57 -0.06 -12.40
C ALA A 233 23.07 1.39 -12.44
N ASN A 234 21.79 1.58 -12.77
CA ASN A 234 21.22 2.91 -12.81
C ASN A 234 20.73 3.29 -11.41
N PHE A 235 21.67 3.54 -10.49
CA PHE A 235 21.32 3.81 -9.10
C PHE A 235 21.63 5.24 -8.64
N ALA A 236 21.97 6.16 -9.54
CA ALA A 236 22.30 7.53 -9.14
C ALA A 236 21.15 8.24 -8.43
N ASP A 237 19.92 8.20 -8.97
CA ASP A 237 18.78 8.85 -8.31
C ASP A 237 18.38 8.08 -7.04
N ASP A 238 18.66 6.78 -6.97
CA ASP A 238 18.40 5.96 -5.80
C ASP A 238 19.34 6.34 -4.65
N LEU A 239 20.60 6.65 -4.96
CA LEU A 239 21.56 7.06 -3.96
C LEU A 239 21.22 8.43 -3.37
N ALA A 240 20.57 9.31 -4.17
CA ALA A 240 20.10 10.64 -3.81
C ALA A 240 21.16 11.43 -3.02
N LEU A 241 22.34 11.58 -3.62
CA LEU A 241 23.43 12.31 -2.99
C LEU A 241 23.42 13.77 -3.41
N ILE B 4 -36.28 32.59 -19.93
CA ILE B 4 -37.54 32.67 -20.63
C ILE B 4 -37.35 33.71 -21.75
N GLY B 5 -36.50 33.31 -22.73
CA GLY B 5 -36.03 34.12 -23.86
C GLY B 5 -34.88 35.03 -23.45
N THR B 6 -34.27 34.77 -22.29
CA THR B 6 -33.25 35.64 -21.72
C THR B 6 -31.89 34.99 -21.65
N THR B 7 -30.86 35.82 -21.70
CA THR B 7 -29.48 35.37 -21.63
C THR B 7 -28.75 36.06 -20.49
N ALA B 8 -27.98 35.30 -19.73
CA ALA B 8 -27.19 35.80 -18.61
C ALA B 8 -25.85 35.11 -18.56
N LYS B 9 -24.78 35.83 -18.20
CA LYS B 9 -23.46 35.23 -18.07
C LYS B 9 -23.39 34.45 -16.76
N VAL B 10 -22.80 33.24 -16.78
CA VAL B 10 -22.67 32.48 -15.54
C VAL B 10 -21.53 33.08 -14.69
N ASN B 11 -21.64 32.94 -13.38
CA ASN B 11 -20.59 33.42 -12.47
C ASN B 11 -19.31 32.56 -12.66
N ARG B 12 -18.19 32.94 -12.00
CA ARG B 12 -16.95 32.20 -12.17
C ARG B 12 -17.00 30.80 -11.50
N ILE B 13 -17.79 30.63 -10.43
CA ILE B 13 -17.92 29.31 -9.78
C ILE B 13 -18.51 28.29 -10.77
N ARG B 14 -19.62 28.64 -11.41
CA ARG B 14 -20.30 27.74 -12.35
C ARG B 14 -19.48 27.57 -13.62
N GLU B 15 -18.84 28.64 -14.11
CA GLU B 15 -17.99 28.58 -15.29
C GLU B 15 -16.79 27.61 -15.08
N ILE B 16 -16.12 27.72 -13.93
CA ILE B 16 -14.95 26.92 -13.67
C ILE B 16 -15.35 25.49 -13.32
N THR B 17 -16.43 25.30 -12.57
CA THR B 17 -16.90 23.95 -12.22
C THR B 17 -17.25 23.16 -13.49
N ALA B 18 -18.05 23.76 -14.37
CA ALA B 18 -18.45 23.16 -15.64
C ALA B 18 -17.21 22.79 -16.50
N ALA B 19 -16.25 23.72 -16.69
CA ALA B 19 -15.06 23.47 -17.49
C ALA B 19 -14.20 22.36 -16.88
N LYS B 20 -14.02 22.37 -15.56
CA LYS B 20 -13.22 21.34 -14.88
C LYS B 20 -13.86 19.97 -15.03
N MET B 21 -15.18 19.88 -15.08
CA MET B 21 -15.88 18.60 -15.21
C MET B 21 -15.87 18.09 -16.63
N VAL B 22 -16.02 18.97 -17.64
CA VAL B 22 -15.93 18.55 -19.05
C VAL B 22 -14.51 17.95 -19.31
N GLU B 23 -13.49 18.62 -18.80
CA GLU B 23 -12.10 18.18 -18.93
C GLU B 23 -11.82 16.90 -18.13
N ALA B 24 -12.38 16.79 -16.92
CA ALA B 24 -12.18 15.65 -16.04
C ALA B 24 -12.56 14.32 -16.72
N LEU B 25 -13.68 14.31 -17.45
CA LEU B 25 -14.16 13.13 -18.12
C LEU B 25 -13.27 12.75 -19.30
N GLN B 26 -12.64 13.71 -19.96
CA GLN B 26 -11.78 13.42 -21.09
C GLN B 26 -10.40 12.89 -20.70
N ILE B 27 -9.94 13.11 -19.46
CA ILE B 27 -8.60 12.67 -19.05
C ILE B 27 -8.64 11.56 -18.00
N SER B 28 -9.77 10.92 -17.80
CA SER B 28 -9.91 9.85 -16.82
C SER B 28 -10.80 8.75 -17.39
N ALA B 29 -10.82 7.59 -16.73
CA ALA B 29 -11.64 6.45 -17.12
C ALA B 29 -12.65 6.21 -16.00
N GLN B 30 -13.70 7.03 -15.93
CA GLN B 30 -14.68 6.94 -14.86
C GLN B 30 -15.75 5.87 -15.08
N LEU B 31 -16.09 5.17 -13.99
CA LEU B 31 -17.14 4.17 -13.83
C LEU B 31 -17.87 4.47 -12.56
N THR B 32 -19.16 4.11 -12.46
CA THR B 32 -19.87 4.30 -11.22
C THR B 32 -20.33 2.96 -10.67
N HIS B 33 -19.60 2.51 -9.67
CA HIS B 33 -19.92 1.29 -8.94
C HIS B 33 -21.16 1.58 -8.11
N LEU B 34 -22.12 0.66 -8.07
CA LEU B 34 -23.32 0.83 -7.25
C LEU B 34 -23.34 -0.11 -6.09
N GLN B 35 -23.47 0.45 -4.89
CA GLN B 35 -23.61 -0.32 -3.67
C GLN B 35 -24.82 0.21 -2.87
N GLU B 36 -25.34 -0.55 -1.89
CA GLU B 36 -26.43 -0.06 -1.05
C GLU B 36 -26.06 -0.27 0.42
N VAL B 37 -26.58 0.58 1.31
CA VAL B 37 -26.29 0.48 2.72
C VAL B 37 -27.60 0.48 3.54
N ASP B 38 -27.69 -0.40 4.53
CA ASP B 38 -28.81 -0.45 5.44
C ASP B 38 -28.50 0.55 6.57
N MET B 39 -29.09 1.72 6.48
CA MET B 39 -28.85 2.79 7.41
C MET B 39 -29.81 2.77 8.61
N THR B 40 -30.65 1.74 8.76
CA THR B 40 -31.61 1.65 9.84
C THR B 40 -30.96 1.75 11.21
N LYS B 41 -29.88 0.99 11.50
CA LYS B 41 -29.26 1.08 12.83
C LYS B 41 -28.71 2.49 13.09
N ILE B 42 -28.09 3.13 12.08
CA ILE B 42 -27.58 4.50 12.23
C ILE B 42 -28.76 5.45 12.44
N ALA B 43 -29.89 5.28 11.71
CA ALA B 43 -31.08 6.11 11.86
C ALA B 43 -31.63 6.05 13.28
N GLU B 44 -31.59 4.87 13.93
CA GLU B 44 -32.09 4.70 15.30
C GLU B 44 -31.13 5.35 16.31
N LEU B 45 -29.81 5.20 16.07
CA LEU B 45 -28.78 5.80 16.90
C LEU B 45 -28.86 7.31 16.82
N ARG B 46 -29.06 7.85 15.61
CA ARG B 46 -29.16 9.27 15.32
C ARG B 46 -30.38 9.87 16.01
N LYS B 47 -31.53 9.20 15.94
CA LYS B 47 -32.76 9.71 16.55
C LYS B 47 -32.57 9.88 18.06
N GLU B 48 -32.04 8.86 18.75
CA GLU B 48 -31.86 8.94 20.19
C GLU B 48 -30.69 9.84 20.60
N SER B 49 -29.69 10.04 19.71
CA SER B 49 -28.52 10.83 20.07
C SER B 49 -28.59 12.30 19.69
N LYS B 50 -29.53 12.71 18.83
CA LYS B 50 -29.62 14.09 18.37
C LYS B 50 -29.70 15.13 19.51
N PRO B 51 -30.57 15.00 20.53
CA PRO B 51 -30.60 16.03 21.60
C PRO B 51 -29.27 16.16 22.36
N ALA B 52 -28.61 15.04 22.68
CA ALA B 52 -27.35 15.03 23.42
C ALA B 52 -26.19 15.54 22.56
N PHE B 53 -26.22 15.26 21.26
CA PHE B 53 -25.17 15.69 20.35
C PHE B 53 -25.27 17.19 20.09
N GLN B 54 -26.50 17.74 20.04
CA GLN B 54 -26.72 19.16 19.84
C GLN B 54 -26.25 19.94 21.08
N GLN B 55 -26.49 19.40 22.28
CA GLN B 55 -26.11 20.06 23.51
C GLN B 55 -24.59 20.03 23.71
N LYS B 56 -23.92 18.90 23.43
CA LYS B 56 -22.49 18.78 23.65
C LYS B 56 -21.64 19.37 22.51
N TYR B 57 -22.02 19.15 21.24
CA TYR B 57 -21.18 19.61 20.13
C TYR B 57 -21.72 20.81 19.36
N GLY B 58 -22.94 21.23 19.62
CA GLY B 58 -23.50 22.43 19.01
C GLY B 58 -23.94 22.30 17.58
N VAL B 59 -24.04 21.07 17.05
CA VAL B 59 -24.47 20.87 15.67
C VAL B 59 -25.60 19.81 15.60
N ASN B 60 -26.39 19.84 14.52
CA ASN B 60 -27.45 18.86 14.32
C ASN B 60 -26.80 17.59 13.75
N LEU B 61 -27.02 16.44 14.38
CA LEU B 61 -26.38 15.20 13.95
C LEU B 61 -27.10 14.61 12.74
N THR B 62 -26.43 14.59 11.58
CA THR B 62 -27.04 14.05 10.35
C THR B 62 -26.32 12.71 9.94
N TYR B 63 -26.71 12.09 8.81
CA TYR B 63 -26.10 10.84 8.37
C TYR B 63 -24.71 11.08 7.78
N LEU B 64 -24.52 12.23 7.08
CA LEU B 64 -23.28 12.57 6.41
C LEU B 64 -21.99 12.31 7.24
N PRO B 65 -21.84 12.75 8.52
CA PRO B 65 -20.58 12.45 9.24
C PRO B 65 -20.34 10.95 9.43
N PHE B 66 -21.40 10.12 9.49
CA PHE B 66 -21.22 8.67 9.58
C PHE B 66 -20.54 8.16 8.29
N PHE B 67 -20.98 8.65 7.15
CA PHE B 67 -20.39 8.31 5.86
C PHE B 67 -18.98 8.83 5.76
N VAL B 68 -18.74 10.07 6.18
CA VAL B 68 -17.42 10.66 6.09
C VAL B 68 -16.43 9.91 6.99
N LYS B 69 -16.82 9.60 8.24
CA LYS B 69 -15.96 8.86 9.17
C LYS B 69 -15.65 7.47 8.61
N ALA B 70 -16.66 6.78 8.08
CA ALA B 70 -16.44 5.46 7.48
C ALA B 70 -15.51 5.57 6.27
N ALA B 71 -15.69 6.60 5.44
CA ALA B 71 -14.88 6.77 4.24
C ALA B 71 -13.44 7.05 4.61
N VAL B 72 -13.21 7.88 5.63
CA VAL B 72 -11.87 8.26 6.06
C VAL B 72 -11.13 7.04 6.58
N GLU B 73 -11.81 6.21 7.38
CA GLU B 73 -11.23 4.98 7.89
C GLU B 73 -10.85 4.04 6.72
N ALA B 74 -11.77 3.89 5.74
CA ALA B 74 -11.57 3.07 4.56
C ALA B 74 -10.51 3.64 3.63
N LEU B 75 -10.26 4.97 3.62
CA LEU B 75 -9.20 5.53 2.78
C LEU B 75 -7.82 5.24 3.40
N VAL B 76 -7.76 5.01 4.73
CA VAL B 76 -6.53 4.65 5.41
C VAL B 76 -6.30 3.13 5.21
N SER B 77 -7.35 2.29 5.40
CA SER B 77 -7.21 0.86 5.21
C SER B 77 -7.14 0.47 3.72
N HIS B 78 -7.59 1.34 2.80
CA HIS B 78 -7.48 1.13 1.36
C HIS B 78 -6.67 2.30 0.81
N PRO B 79 -5.35 2.38 1.13
CA PRO B 79 -4.56 3.54 0.66
C PRO B 79 -4.45 3.65 -0.87
N ASN B 80 -4.75 2.56 -1.60
CA ASN B 80 -4.76 2.54 -3.06
C ASN B 80 -5.88 3.43 -3.63
N VAL B 81 -6.91 3.76 -2.83
CA VAL B 81 -8.01 4.63 -3.24
C VAL B 81 -7.63 6.12 -2.97
N ASN B 82 -6.86 6.37 -1.88
CA ASN B 82 -6.39 7.70 -1.54
C ASN B 82 -5.11 7.93 -2.31
N ALA B 83 -5.23 7.92 -3.63
CA ALA B 83 -4.09 7.97 -4.51
C ALA B 83 -4.38 8.74 -5.80
N SER B 84 -3.34 9.09 -6.56
CA SER B 84 -3.44 9.83 -7.81
C SER B 84 -2.54 9.21 -8.88
N TYR B 85 -2.96 9.26 -10.15
CA TYR B 85 -2.17 8.73 -11.24
C TYR B 85 -1.63 9.85 -12.09
N ASN B 86 -0.36 9.73 -12.46
CA ASN B 86 0.32 10.66 -13.34
C ASN B 86 0.50 9.93 -14.65
N ALA B 87 -0.26 10.30 -15.69
CA ALA B 87 -0.17 9.62 -16.98
C ALA B 87 1.13 9.94 -17.74
N GLU B 88 1.85 11.01 -17.37
CA GLU B 88 3.10 11.34 -18.03
C GLU B 88 4.23 10.47 -17.49
N THR B 89 4.39 10.39 -16.16
CA THR B 89 5.46 9.57 -15.57
C THR B 89 5.02 8.10 -15.31
N LYS B 90 3.74 7.78 -15.53
CA LYS B 90 3.17 6.45 -15.31
C LYS B 90 3.39 6.00 -13.85
N GLU B 91 3.26 6.94 -12.90
CA GLU B 91 3.45 6.64 -11.49
C GLU B 91 2.24 7.00 -10.67
N MET B 92 2.00 6.17 -9.67
CA MET B 92 0.92 6.29 -8.72
C MET B 92 1.44 6.94 -7.46
N THR B 93 0.71 7.91 -6.91
CA THR B 93 1.09 8.54 -5.66
C THR B 93 0.06 8.22 -4.61
N TYR B 94 0.44 7.48 -3.57
CA TYR B 94 -0.49 7.15 -2.49
C TYR B 94 -0.33 8.22 -1.45
N HIS B 95 -1.35 9.05 -1.23
CA HIS B 95 -1.29 10.20 -0.33
C HIS B 95 -1.37 9.82 1.16
N ALA B 96 -0.46 10.42 1.96
CA ALA B 96 -0.41 10.18 3.41
C ALA B 96 -1.64 10.79 4.10
N ASP B 97 -2.04 12.01 3.70
CA ASP B 97 -3.21 12.65 4.30
C ASP B 97 -4.50 12.30 3.58
N VAL B 98 -5.60 12.26 4.34
CA VAL B 98 -6.92 12.06 3.80
C VAL B 98 -7.61 13.42 3.82
N ASN B 99 -7.55 14.12 2.71
CA ASN B 99 -8.21 15.42 2.57
C ASN B 99 -9.53 15.20 1.86
N VAL B 100 -10.64 15.15 2.61
CA VAL B 100 -11.98 14.88 2.08
C VAL B 100 -12.76 16.14 1.73
N ALA B 101 -13.10 16.29 0.46
CA ALA B 101 -13.92 17.40 0.02
C ALA B 101 -15.39 17.05 0.25
N ILE B 102 -16.19 18.03 0.67
CA ILE B 102 -17.61 17.84 0.90
C ILE B 102 -18.37 18.68 -0.10
N ALA B 103 -19.16 18.07 -0.98
CA ALA B 103 -19.95 18.82 -1.94
C ALA B 103 -21.04 19.59 -1.21
N VAL B 104 -21.08 20.90 -1.44
CA VAL B 104 -22.04 21.79 -0.78
C VAL B 104 -22.86 22.49 -1.85
N ASP B 105 -24.19 22.41 -1.76
CA ASP B 105 -25.05 23.16 -2.67
C ASP B 105 -25.20 24.60 -2.16
N THR B 106 -24.73 25.58 -2.95
CA THR B 106 -24.78 27.00 -2.55
C THR B 106 -25.61 27.83 -3.55
N PRO B 107 -26.04 29.04 -3.16
CA PRO B 107 -26.78 29.89 -4.10
C PRO B 107 -25.96 30.29 -5.34
N ARG B 108 -24.62 30.20 -5.25
CA ARG B 108 -23.74 30.53 -6.36
C ARG B 108 -23.22 29.29 -7.12
N GLY B 109 -23.74 28.12 -6.82
CA GLY B 109 -23.31 26.89 -7.48
C GLY B 109 -22.66 25.92 -6.52
N LEU B 110 -22.18 24.80 -7.05
CA LEU B 110 -21.51 23.77 -6.27
C LEU B 110 -20.12 24.21 -5.82
N LEU B 111 -19.83 24.02 -4.52
CA LEU B 111 -18.51 24.25 -3.96
C LEU B 111 -18.10 23.00 -3.21
N THR B 112 -16.81 22.59 -3.28
CA THR B 112 -16.39 21.40 -2.55
C THR B 112 -15.29 21.72 -1.52
N PRO B 113 -15.60 22.43 -0.40
CA PRO B 113 -14.57 22.70 0.63
C PRO B 113 -13.95 21.39 1.14
N VAL B 114 -12.68 21.44 1.53
CA VAL B 114 -11.91 20.28 1.94
C VAL B 114 -11.65 20.21 3.44
N ILE B 115 -11.90 19.03 4.03
CA ILE B 115 -11.53 18.72 5.41
C ILE B 115 -10.10 18.15 5.34
N HIS B 116 -9.10 18.98 5.58
CA HIS B 116 -7.71 18.53 5.50
C HIS B 116 -7.36 17.68 6.70
N LYS B 117 -6.54 16.63 6.48
CA LYS B 117 -6.06 15.70 7.50
C LYS B 117 -7.24 15.15 8.33
N ALA B 118 -8.28 14.70 7.63
CA ALA B 118 -9.47 14.14 8.24
C ALA B 118 -9.17 12.86 9.01
N GLN B 119 -8.06 12.16 8.69
CA GLN B 119 -7.67 10.94 9.42
C GLN B 119 -7.23 11.27 10.86
N GLU B 120 -6.92 12.54 11.16
CA GLU B 120 -6.53 12.96 12.51
C GLU B 120 -7.74 13.48 13.32
N LEU B 121 -8.97 13.51 12.75
CA LEU B 121 -10.13 14.06 13.47
C LEU B 121 -11.07 13.02 14.11
N THR B 122 -11.67 13.42 15.24
CA THR B 122 -12.68 12.59 15.88
C THR B 122 -13.99 12.71 15.10
N PHE B 123 -14.96 11.80 15.33
CA PHE B 123 -16.27 11.85 14.68
C PHE B 123 -16.95 13.23 14.96
N PRO B 124 -17.03 13.73 16.23
CA PRO B 124 -17.62 15.05 16.44
C PRO B 124 -16.88 16.18 15.69
N GLU B 125 -15.53 16.14 15.64
CA GLU B 125 -14.76 17.13 14.90
C GLU B 125 -15.11 17.10 13.40
N ILE B 126 -15.43 15.92 12.85
CA ILE B 126 -15.82 15.82 11.44
C ILE B 126 -17.21 16.45 11.25
N ALA B 127 -18.18 16.12 12.13
CA ALA B 127 -19.53 16.68 12.08
C ALA B 127 -19.49 18.21 12.16
N GLN B 128 -18.66 18.76 13.07
CA GLN B 128 -18.51 20.20 13.23
C GLN B 128 -17.84 20.82 12.00
N ALA B 129 -16.86 20.14 11.40
CA ALA B 129 -16.17 20.64 10.22
C ALA B 129 -17.11 20.71 9.02
N ILE B 130 -18.01 19.74 8.87
CA ILE B 130 -18.97 19.73 7.75
C ILE B 130 -19.89 20.94 7.86
N VAL B 131 -20.44 21.18 9.05
CA VAL B 131 -21.36 22.27 9.32
C VAL B 131 -20.66 23.62 9.08
N ASP B 132 -19.42 23.73 9.57
CA ASP B 132 -18.65 24.95 9.47
C ASP B 132 -18.26 25.23 8.03
N LEU B 133 -17.75 24.20 7.33
CA LEU B 133 -17.29 24.35 5.96
C LEU B 133 -18.45 24.65 5.04
N ALA B 134 -19.63 24.05 5.27
CA ALA B 134 -20.81 24.30 4.44
C ALA B 134 -21.36 25.70 4.68
N ASP B 135 -21.26 26.20 5.92
CA ASP B 135 -21.73 27.54 6.24
C ASP B 135 -20.83 28.57 5.52
N ARG B 136 -19.51 28.31 5.51
CA ARG B 136 -18.57 29.20 4.84
C ARG B 136 -18.76 29.09 3.33
N ALA B 137 -19.06 27.88 2.80
CA ALA B 137 -19.30 27.67 1.38
C ALA B 137 -20.58 28.41 0.95
N ARG B 138 -21.71 28.22 1.68
CA ARG B 138 -22.97 28.92 1.39
C ARG B 138 -22.82 30.42 1.44
N ASN B 139 -21.99 30.95 2.36
CA ASN B 139 -21.78 32.40 2.47
C ASN B 139 -20.66 32.94 1.55
N ASN B 140 -19.99 32.05 0.78
CA ASN B 140 -18.87 32.37 -0.10
C ASN B 140 -17.75 33.07 0.69
N LYS B 141 -17.37 32.47 1.81
CA LYS B 141 -16.29 33.03 2.64
C LYS B 141 -15.13 32.04 2.77
N LEU B 142 -15.03 31.03 1.85
CA LEU B 142 -13.93 30.09 1.83
C LEU B 142 -12.66 30.73 1.24
N LYS B 143 -11.50 30.28 1.71
CA LYS B 143 -10.20 30.71 1.21
C LYS B 143 -9.77 29.79 0.04
N PRO B 144 -8.82 30.19 -0.83
CA PRO B 144 -8.40 29.26 -1.91
C PRO B 144 -7.88 27.93 -1.35
N GLN B 145 -7.18 27.97 -0.21
CA GLN B 145 -6.63 26.80 0.47
C GLN B 145 -7.72 25.78 0.84
N ASP B 146 -8.89 26.28 1.31
CA ASP B 146 -10.04 25.45 1.66
C ASP B 146 -10.57 24.67 0.47
N LEU B 147 -10.34 25.14 -0.76
CA LEU B 147 -10.84 24.45 -1.93
C LEU B 147 -9.75 23.61 -2.65
N MET B 148 -8.56 23.47 -2.05
CA MET B 148 -7.44 22.78 -2.68
C MET B 148 -6.95 21.57 -1.89
N GLY B 149 -6.21 20.70 -2.56
CA GLY B 149 -5.58 19.55 -1.93
C GLY B 149 -6.45 18.34 -1.66
N ALA B 150 -7.70 18.31 -2.14
CA ALA B 150 -8.57 17.16 -1.91
C ALA B 150 -8.00 15.88 -2.52
N THR B 151 -8.08 14.80 -1.76
CA THR B 151 -7.64 13.47 -2.19
C THR B 151 -8.85 12.55 -2.49
N PHE B 152 -10.06 12.95 -2.04
CA PHE B 152 -11.33 12.22 -2.17
C PHE B 152 -12.50 13.19 -1.96
N THR B 153 -13.69 12.90 -2.51
CA THR B 153 -14.88 13.74 -2.32
C THR B 153 -16.08 12.89 -1.90
N ILE B 154 -16.91 13.43 -1.02
CA ILE B 154 -18.16 12.80 -0.61
C ILE B 154 -19.27 13.78 -0.99
N THR B 155 -20.21 13.32 -1.78
CA THR B 155 -21.30 14.17 -2.24
C THR B 155 -22.67 13.66 -1.75
N ASN B 156 -23.41 14.54 -1.08
CA ASN B 156 -24.73 14.20 -0.60
C ASN B 156 -25.74 14.39 -1.72
N ILE B 157 -25.85 13.41 -2.62
CA ILE B 157 -26.79 13.47 -3.73
C ILE B 157 -28.24 13.24 -3.24
N GLY B 158 -28.43 12.70 -2.04
CA GLY B 158 -29.78 12.48 -1.51
C GLY B 158 -30.46 13.73 -1.01
N SER B 159 -29.75 14.86 -0.91
CA SER B 159 -30.34 16.11 -0.40
C SER B 159 -31.59 16.53 -1.19
N GLU B 160 -31.60 16.33 -2.52
CA GLU B 160 -32.78 16.68 -3.31
C GLU B 160 -33.58 15.44 -3.77
N GLY B 161 -33.48 14.35 -3.01
CA GLY B 161 -34.23 13.11 -3.20
C GLY B 161 -33.76 12.09 -4.24
N ALA B 162 -32.57 12.28 -4.83
CA ALA B 162 -32.06 11.32 -5.83
C ALA B 162 -31.88 9.93 -5.24
N LEU B 163 -32.42 8.91 -5.94
CA LEU B 163 -32.19 7.51 -5.57
C LEU B 163 -30.72 7.17 -5.73
N SER B 164 -30.12 7.67 -6.80
CA SER B 164 -28.72 7.52 -7.12
C SER B 164 -28.34 8.55 -8.18
N ASP B 165 -27.07 8.56 -8.59
CA ASP B 165 -26.51 9.44 -9.59
C ASP B 165 -25.13 8.88 -9.99
N THR B 166 -24.47 9.50 -11.00
CA THR B 166 -23.14 9.04 -11.42
C THR B 166 -22.24 10.24 -11.24
N PRO B 167 -21.79 10.52 -10.00
CA PRO B 167 -21.02 11.74 -9.76
C PRO B 167 -19.74 11.80 -10.56
N ILE B 168 -19.33 13.00 -10.95
CA ILE B 168 -18.12 13.18 -11.74
C ILE B 168 -16.91 13.43 -10.85
N LEU B 169 -15.88 12.55 -10.90
CA LEU B 169 -14.67 12.80 -10.14
C LEU B 169 -13.77 13.71 -10.96
N VAL B 170 -12.97 14.50 -10.25
CA VAL B 170 -12.07 15.43 -10.90
C VAL B 170 -10.64 15.06 -10.57
N PRO B 171 -9.88 14.53 -11.55
CA PRO B 171 -8.44 14.26 -11.32
C PRO B 171 -7.72 15.51 -10.77
N PRO B 172 -6.73 15.37 -9.86
CA PRO B 172 -6.04 14.13 -9.48
C PRO B 172 -6.78 13.21 -8.53
N GLN B 173 -8.02 13.51 -8.15
CA GLN B 173 -8.77 12.60 -7.26
C GLN B 173 -9.10 11.31 -8.03
N ALA B 174 -9.21 10.19 -7.30
CA ALA B 174 -9.45 8.89 -7.90
C ALA B 174 -10.85 8.30 -7.60
N GLY B 175 -11.59 8.92 -6.68
CA GLY B 175 -12.90 8.47 -6.29
C GLY B 175 -13.77 9.56 -5.72
N ILE B 176 -15.08 9.43 -5.91
CA ILE B 176 -16.09 10.32 -5.36
C ILE B 176 -17.25 9.41 -4.89
N LEU B 177 -17.60 9.52 -3.62
CA LEU B 177 -18.64 8.68 -3.03
C LEU B 177 -19.91 9.47 -2.84
N GLY B 178 -21.02 8.92 -3.30
CA GLY B 178 -22.32 9.57 -3.18
C GLY B 178 -23.14 8.97 -2.06
N THR B 179 -23.83 9.82 -1.27
CA THR B 179 -24.72 9.38 -0.18
C THR B 179 -26.13 9.73 -0.65
N ALA B 180 -26.75 8.78 -1.37
CA ALA B 180 -28.06 9.03 -1.96
C ALA B 180 -29.21 8.99 -0.88
N ALA B 181 -30.45 9.35 -1.29
CA ALA B 181 -31.57 9.48 -0.38
C ALA B 181 -31.86 8.19 0.33
N ILE B 182 -31.89 8.26 1.64
CA ILE B 182 -32.24 7.12 2.50
C ILE B 182 -33.73 6.96 2.43
N GLN B 183 -34.17 5.83 1.94
CA GLN B 183 -35.58 5.55 1.75
C GLN B 183 -35.95 4.20 2.39
N LYS B 184 -37.20 4.06 2.87
CA LYS B 184 -37.65 2.78 3.40
C LYS B 184 -37.91 1.79 2.23
N ARG B 185 -37.30 0.61 2.30
CA ARG B 185 -37.43 -0.41 1.26
C ARG B 185 -37.76 -1.78 1.82
N ALA B 186 -38.35 -2.64 0.98
CA ALA B 186 -38.61 -4.04 1.33
C ALA B 186 -37.36 -4.81 1.01
N VAL B 187 -36.64 -5.28 2.04
CA VAL B 187 -35.37 -5.97 1.80
C VAL B 187 -35.37 -7.33 2.51
N VAL B 188 -34.58 -8.28 2.01
CA VAL B 188 -34.49 -9.60 2.61
C VAL B 188 -33.43 -9.61 3.71
N VAL B 189 -33.78 -10.14 4.86
CA VAL B 189 -32.85 -10.36 5.95
C VAL B 189 -32.78 -11.89 6.18
N THR B 190 -31.66 -12.38 6.71
CA THR B 190 -31.52 -13.81 6.99
C THR B 190 -30.94 -14.05 8.37
N GLU B 191 -31.48 -15.04 9.06
CA GLU B 191 -31.02 -15.42 10.40
CA GLU B 191 -31.02 -15.40 10.39
C GLU B 191 -31.23 -16.90 10.62
N ASP B 192 -30.14 -17.65 10.67
CA ASP B 192 -30.18 -19.11 10.87
C ASP B 192 -30.90 -19.78 9.69
N GLY B 193 -30.61 -19.29 8.48
CA GLY B 193 -31.23 -19.83 7.28
C GLY B 193 -32.68 -19.45 7.06
N VAL B 194 -33.19 -18.47 7.83
CA VAL B 194 -34.57 -18.04 7.65
C VAL B 194 -34.57 -16.72 6.92
N ASP B 195 -34.96 -16.75 5.64
CA ASP B 195 -35.09 -15.54 4.83
C ASP B 195 -36.45 -14.89 5.11
N ALA B 196 -36.44 -13.60 5.34
CA ALA B 196 -37.67 -12.89 5.62
C ALA B 196 -37.60 -11.46 5.07
N ILE B 197 -38.76 -10.83 4.86
CA ILE B 197 -38.79 -9.47 4.28
C ILE B 197 -39.00 -8.42 5.37
N ALA B 198 -38.05 -7.52 5.50
CA ALA B 198 -38.13 -6.45 6.48
C ALA B 198 -38.22 -5.06 5.82
N ILE B 199 -38.74 -4.07 6.56
CA ILE B 199 -38.76 -2.70 6.09
C ILE B 199 -37.52 -2.06 6.65
N ARG B 200 -36.56 -1.70 5.80
CA ARG B 200 -35.32 -1.11 6.26
C ARG B 200 -35.06 0.23 5.62
N GLN B 201 -34.37 1.10 6.33
CA GLN B 201 -34.01 2.42 5.80
C GLN B 201 -32.73 2.24 4.98
N MET B 202 -32.88 2.13 3.67
CA MET B 202 -31.75 1.88 2.78
C MET B 202 -31.33 3.08 1.99
N CYS B 203 -30.11 3.08 1.45
CA CYS B 203 -29.73 4.10 0.47
C CYS B 203 -28.74 3.52 -0.49
N TYR B 204 -28.76 4.00 -1.72
CA TYR B 204 -27.74 3.61 -2.68
C TYR B 204 -26.50 4.48 -2.37
N MET B 205 -25.34 3.91 -2.55
CA MET B 205 -24.09 4.58 -2.31
C MET B 205 -23.24 4.46 -3.56
N PRO B 206 -23.58 5.21 -4.63
CA PRO B 206 -22.75 5.14 -5.84
C PRO B 206 -21.33 5.61 -5.57
N PHE B 207 -20.37 4.94 -6.19
CA PHE B 207 -18.99 5.31 -6.04
C PHE B 207 -18.36 5.41 -7.42
N THR B 208 -18.07 6.64 -7.85
CA THR B 208 -17.41 6.84 -9.14
C THR B 208 -15.91 6.77 -8.94
N TYR B 209 -15.26 5.91 -9.71
CA TYR B 209 -13.83 5.72 -9.59
C TYR B 209 -13.13 5.77 -10.92
N ASP B 210 -11.85 6.15 -10.92
CA ASP B 210 -11.05 6.26 -12.13
C ASP B 210 -10.30 4.94 -12.30
N HIS B 211 -10.56 4.22 -13.41
CA HIS B 211 -9.86 2.96 -13.65
C HIS B 211 -8.35 3.15 -13.81
N GLN B 212 -7.87 4.40 -13.98
CA GLN B 212 -6.44 4.67 -14.01
C GLN B 212 -5.79 4.41 -12.64
N VAL B 213 -6.58 4.48 -11.54
CA VAL B 213 -6.05 4.36 -10.19
C VAL B 213 -6.63 3.12 -9.46
N VAL B 214 -7.94 2.92 -9.59
CA VAL B 214 -8.71 1.89 -8.91
C VAL B 214 -9.42 0.96 -9.92
N ASP B 215 -9.22 -0.36 -9.84
CA ASP B 215 -9.96 -1.26 -10.73
C ASP B 215 -11.34 -1.60 -10.05
N GLY B 216 -12.19 -2.32 -10.75
CA GLY B 216 -13.50 -2.67 -10.24
C GLY B 216 -13.49 -3.49 -8.97
N ALA B 217 -12.58 -4.45 -8.85
CA ALA B 217 -12.48 -5.28 -7.65
C ALA B 217 -12.02 -4.43 -6.45
N ASP B 218 -11.11 -3.48 -6.70
CA ASP B 218 -10.67 -2.53 -5.69
C ASP B 218 -11.82 -1.68 -5.21
N ALA B 219 -12.68 -1.20 -6.15
CA ALA B 219 -13.85 -0.36 -5.82
C ALA B 219 -14.81 -1.14 -4.93
N GLY B 220 -15.02 -2.41 -5.28
CA GLY B 220 -15.89 -3.32 -4.52
C GLY B 220 -15.39 -3.54 -3.11
N ARG B 221 -14.08 -3.78 -2.94
CA ARG B 221 -13.54 -3.98 -1.59
C ARG B 221 -13.66 -2.71 -0.77
N PHE B 222 -13.42 -1.57 -1.40
CA PHE B 222 -13.49 -0.27 -0.75
C PHE B 222 -14.90 0.00 -0.23
N THR B 223 -15.95 -0.18 -1.06
CA THR B 223 -17.32 0.09 -0.61
C THR B 223 -17.84 -0.96 0.37
N THR B 224 -17.28 -2.18 0.34
CA THR B 224 -17.66 -3.24 1.26
C THR B 224 -17.19 -2.88 2.67
N THR B 225 -15.99 -2.30 2.80
CA THR B 225 -15.49 -1.85 4.10
C THR B 225 -16.42 -0.78 4.69
N ILE B 226 -16.83 0.19 3.86
CA ILE B 226 -17.70 1.30 4.29
C ILE B 226 -19.11 0.77 4.66
N LYS B 227 -19.65 -0.14 3.86
CA LYS B 227 -20.98 -0.67 4.08
C LYS B 227 -21.01 -1.47 5.37
N ASP B 228 -20.00 -2.29 5.62
CA ASP B 228 -19.94 -3.09 6.83
C ASP B 228 -19.81 -2.20 8.05
N ARG B 229 -19.02 -1.12 7.95
CA ARG B 229 -18.85 -0.17 9.04
C ARG B 229 -20.18 0.48 9.39
N LEU B 230 -20.92 0.93 8.37
CA LEU B 230 -22.19 1.63 8.57
C LEU B 230 -23.31 0.69 9.08
N GLU B 231 -23.32 -0.54 8.57
CA GLU B 231 -24.35 -1.49 8.91
C GLU B 231 -24.15 -2.05 10.31
N THR B 232 -22.88 -2.20 10.76
CA THR B 232 -22.60 -2.65 12.12
C THR B 232 -23.03 -1.57 13.12
N ALA B 233 -22.86 -0.27 12.73
CA ALA B 233 -23.29 0.94 13.43
C ALA B 233 -22.72 1.04 14.83
N ASN B 234 -21.46 0.66 15.00
CA ASN B 234 -20.80 0.75 16.31
C ASN B 234 -20.22 2.15 16.47
N PHE B 235 -21.09 3.15 16.64
CA PHE B 235 -20.64 4.53 16.72
C PHE B 235 -20.84 5.16 18.11
N ALA B 236 -21.14 4.38 19.15
CA ALA B 236 -21.35 4.95 20.48
C ALA B 236 -20.09 5.70 21.00
N ASP B 237 -18.91 5.06 20.95
CA ASP B 237 -17.69 5.71 21.41
C ASP B 237 -17.31 6.89 20.51
N ASP B 238 -17.63 6.84 19.22
CA ASP B 238 -17.33 7.95 18.31
C ASP B 238 -18.19 9.16 18.66
N LEU B 239 -19.48 8.95 18.97
CA LEU B 239 -20.39 10.04 19.32
C LEU B 239 -19.89 10.74 20.59
N ALA B 240 -19.30 9.97 21.53
CA ALA B 240 -18.73 10.48 22.78
C ALA B 240 -19.70 11.41 23.53
N LEU B 241 -20.91 10.90 23.78
CA LEU B 241 -21.93 11.68 24.48
C LEU B 241 -21.87 11.46 25.99
#